data_3UBU
#
_entry.id   3UBU
#
_cell.length_a   30.485
_cell.length_b   58.052
_cell.length_c   141.537
_cell.angle_alpha   90.00
_cell.angle_beta   90.00
_cell.angle_gamma   90.00
#
_symmetry.space_group_name_H-M   'P 21 21 21'
#
loop_
_entity.id
_entity.type
_entity.pdbx_description
1 polymer 'Agglucetin subunit alpha-1'
2 polymer 'Agglucetin subunit beta-2'
3 non-polymer 'SULFATE ION'
4 non-polymer GLYCEROL
5 water water
#
loop_
_entity_poly.entity_id
_entity_poly.type
_entity_poly.pdbx_seq_one_letter_code
_entity_poly.pdbx_strand_id
1 'polypeptide(L)'
;DVDCLPGWSAYDQSCYRVFKLLKTWDDAEKFCTERPKGGHLVSIESAGERDFVAQLVSENKQTDNVWLGLKIQSKGQQCS
TEWTDGSSVSYENFSEYQSKKCFVLEKNTGFRTWLNLNCGSEYSFVCKSPP
;
A
2 'polypeptide(L)'
;GF(OCS)CPLRWSAYEGHCYLVVKEKKTWDDAEKFCTEQRKGGHLVSVHSREEADFLVHLAYPILDLSLIWMGLSNMWND
CKREWSDGTKLDFKSWAKTSDCLIGKTDGDNQWLNMDCSKKHYFVCKFKL
;
B
#
loop_
_chem_comp.id
_chem_comp.type
_chem_comp.name
_chem_comp.formula
GOL non-polymer GLYCEROL 'C3 H8 O3'
SO4 non-polymer 'SULFATE ION' 'O4 S -2'
#
# COMPACT_ATOMS: atom_id res chain seq x y z
N VAL A 2 15.94 7.69 32.38
CA VAL A 2 17.41 7.92 32.30
C VAL A 2 18.23 6.64 32.58
N ASP A 3 17.68 5.72 33.38
CA ASP A 3 18.39 4.47 33.69
C ASP A 3 17.83 3.24 32.98
N CYS A 4 18.46 2.88 31.86
CA CYS A 4 17.94 1.79 31.03
C CYS A 4 18.70 0.48 31.25
N LEU A 5 18.10 -0.63 30.83
CA LEU A 5 18.73 -1.95 30.86
C LEU A 5 19.96 -1.98 29.94
N PRO A 6 20.94 -2.88 30.22
CA PRO A 6 22.11 -2.98 29.35
C PRO A 6 21.69 -3.28 27.90
N GLY A 7 22.23 -2.48 26.97
CA GLY A 7 21.92 -2.63 25.57
C GLY A 7 20.93 -1.60 25.05
N TRP A 8 20.18 -0.98 25.97
CA TRP A 8 19.12 -0.04 25.64
C TRP A 8 19.70 1.36 25.78
N SER A 9 19.17 2.32 25.02
CA SER A 9 19.67 3.71 25.06
C SER A 9 18.55 4.69 25.47
N ALA A 10 18.90 5.65 26.30
CA ALA A 10 17.94 6.59 26.87
C ALA A 10 17.73 7.77 25.97
N TYR A 11 16.48 8.16 25.80
CA TYR A 11 16.14 9.45 25.20
C TYR A 11 14.86 9.96 25.82
N ASP A 12 14.90 11.20 26.28
CA ASP A 12 13.74 11.87 26.84
C ASP A 12 12.89 10.95 27.74
N GLN A 13 13.51 10.38 28.78
CA GLN A 13 12.77 9.55 29.76
C GLN A 13 12.29 8.17 29.29
N SER A 14 12.55 7.82 28.04
CA SER A 14 12.26 6.47 27.54
C SER A 14 13.53 5.70 27.15
N CYS A 15 13.40 4.37 27.07
CA CYS A 15 14.49 3.49 26.69
C CYS A 15 14.22 2.84 25.34
N TYR A 16 15.26 2.73 24.53
CA TYR A 16 15.13 2.31 23.11
C TYR A 16 16.15 1.26 22.83
N ARG A 17 15.83 0.32 21.93
CA ARG A 17 16.80 -0.69 21.49
C ARG A 17 16.40 -1.24 20.14
N VAL A 18 17.40 -1.37 19.27
CA VAL A 18 17.26 -1.94 17.95
C VAL A 18 17.51 -3.44 18.11
N PHE A 19 16.56 -4.26 17.68
CA PHE A 19 16.73 -5.69 17.76
C PHE A 19 16.97 -6.24 16.37
N LYS A 20 18.06 -6.97 16.25
CA LYS A 20 18.53 -7.52 14.98
C LYS A 20 17.98 -8.95 14.82
N LEU A 21 16.67 -9.07 14.88
CA LEU A 21 15.97 -10.34 14.67
C LEU A 21 14.94 -10.03 13.61
N LEU A 22 14.86 -10.85 12.56
CA LEU A 22 13.84 -10.62 11.53
C LEU A 22 12.50 -11.12 12.01
N LYS A 23 11.51 -10.24 12.03
CA LYS A 23 10.18 -10.59 12.45
C LYS A 23 9.22 -9.85 11.54
N THR A 24 8.00 -10.37 11.45
CA THR A 24 6.90 -9.67 10.85
C THR A 24 6.52 -8.54 11.81
N TRP A 25 5.65 -7.65 11.36
CA TRP A 25 5.27 -6.50 12.19
C TRP A 25 4.57 -6.96 13.47
N ASP A 26 3.60 -7.88 13.37
CA ASP A 26 2.89 -8.39 14.55
C ASP A 26 3.83 -9.08 15.54
N ASP A 27 4.76 -9.89 15.02
CA ASP A 27 5.72 -10.56 15.91
C ASP A 27 6.69 -9.61 16.61
N ALA A 28 7.20 -8.61 15.89
CA ALA A 28 8.03 -7.57 16.52
C ALA A 28 7.25 -6.81 17.61
N GLU A 29 6.08 -6.28 17.30
CA GLU A 29 5.25 -5.59 18.30
C GLU A 29 5.07 -6.49 19.50
N LYS A 30 4.78 -7.76 19.25
CA LYS A 30 4.54 -8.71 20.36
C LYS A 30 5.85 -8.82 21.15
N PHE A 31 6.96 -8.96 20.44
CA PHE A 31 8.25 -9.05 21.11
C PHE A 31 8.44 -7.84 22.03
N CYS A 32 8.15 -6.64 21.52
CA CYS A 32 8.41 -5.43 22.29
C CYS A 32 7.54 -5.38 23.52
N THR A 33 6.31 -5.90 23.44
CA THR A 33 5.43 -5.88 24.62
C THR A 33 5.94 -6.81 25.72
N GLU A 34 6.83 -7.73 25.35
CA GLU A 34 7.32 -8.76 26.27
C GLU A 34 8.66 -8.42 26.90
N ARG A 35 9.14 -7.21 26.69
CA ARG A 35 10.38 -6.76 27.31
C ARG A 35 10.07 -6.55 28.83
N PRO A 36 11.12 -6.59 29.69
CA PRO A 36 10.84 -6.65 31.14
C PRO A 36 9.91 -5.53 31.67
N LYS A 37 10.12 -4.29 31.18
CA LYS A 37 9.27 -3.17 31.58
C LYS A 37 8.10 -2.90 30.60
N GLY A 38 7.81 -3.88 29.75
CA GLY A 38 6.76 -3.73 28.74
C GLY A 38 7.21 -2.83 27.60
N GLY A 39 6.26 -2.25 26.88
CA GLY A 39 6.58 -1.39 25.75
C GLY A 39 6.03 -1.84 24.40
N HIS A 40 6.55 -1.22 23.34
CA HIS A 40 5.94 -1.34 22.02
C HIS A 40 7.01 -1.04 21.00
N LEU A 41 6.75 -1.38 19.74
CA LEU A 41 7.57 -0.87 18.63
C LEU A 41 7.60 0.66 18.76
N VAL A 42 8.71 1.26 18.37
CA VAL A 42 8.91 2.68 18.63
C VAL A 42 7.84 3.54 17.96
N SER A 43 7.40 4.60 18.62
CA SER A 43 6.66 5.65 17.91
C SER A 43 7.55 6.89 17.83
N ILE A 44 7.27 7.74 16.84
CA ILE A 44 8.05 8.93 16.62
C ILE A 44 7.13 10.15 16.64
N GLU A 45 7.28 10.97 17.67
CA GLU A 45 6.29 12.02 17.96
C GLU A 45 6.88 13.43 17.97
N SER A 46 8.16 13.52 17.64
CA SER A 46 8.83 14.81 17.56
C SER A 46 10.02 14.71 16.63
N ALA A 47 10.46 15.86 16.13
CA ALA A 47 11.67 15.95 15.35
C ALA A 47 12.88 15.42 16.16
N GLY A 48 12.89 15.71 17.47
CA GLY A 48 13.92 15.20 18.36
C GLY A 48 14.00 13.66 18.37
N GLU A 49 12.84 13.02 18.53
CA GLU A 49 12.76 11.54 18.55
C GLU A 49 13.15 10.92 17.20
N ARG A 50 12.64 11.49 16.11
CA ARG A 50 13.07 11.10 14.76
C ARG A 50 14.58 11.00 14.65
N ASP A 51 15.25 12.09 15.02
CA ASP A 51 16.69 12.20 14.90
C ASP A 51 17.41 11.23 15.83
N PHE A 52 16.93 11.10 17.06
CA PHE A 52 17.49 10.14 17.98
C PHE A 52 17.37 8.69 17.44
N VAL A 53 16.18 8.31 16.98
CA VAL A 53 15.99 6.95 16.48
C VAL A 53 16.78 6.68 15.18
N ALA A 54 16.82 7.65 14.27
CA ALA A 54 17.59 7.49 13.03
C ALA A 54 19.05 7.22 13.36
N GLN A 55 19.63 8.02 14.27
CA GLN A 55 21.04 7.84 14.64
C GLN A 55 21.25 6.49 15.34
N LEU A 56 20.32 6.12 16.21
CA LEU A 56 20.39 4.83 16.89
C LEU A 56 20.45 3.65 15.90
N VAL A 57 19.55 3.66 14.92
CA VAL A 57 19.52 2.62 13.92
C VAL A 57 20.78 2.60 13.06
N SER A 58 21.25 3.79 12.64
CA SER A 58 22.49 3.87 11.87
C SER A 58 23.70 3.39 12.68
N GLU A 59 23.76 3.77 13.97
CA GLU A 59 24.83 3.31 14.88
C GLU A 59 24.92 1.79 14.91
N ASN A 60 23.78 1.15 14.65
CA ASN A 60 23.65 -0.29 14.73
C ASN A 60 23.87 -0.96 13.38
N LYS A 61 24.22 -0.14 12.39
CA LYS A 61 24.59 -0.62 11.05
C LYS A 61 23.53 -1.58 10.46
N GLN A 62 22.25 -1.23 10.61
CA GLN A 62 21.19 -1.92 9.90
C GLN A 62 21.33 -1.66 8.39
N THR A 63 21.19 -2.72 7.61
CA THR A 63 21.37 -2.58 6.16
C THR A 63 20.06 -2.76 5.39
N ASP A 64 18.94 -2.94 6.09
CA ASP A 64 17.61 -3.00 5.45
C ASP A 64 16.65 -2.09 6.27
N ASN A 65 15.42 -1.96 5.80
CA ASN A 65 14.36 -1.26 6.54
C ASN A 65 14.11 -1.86 7.94
N VAL A 66 13.66 -1.04 8.88
CA VAL A 66 13.35 -1.52 10.22
C VAL A 66 11.93 -1.09 10.65
N TRP A 67 11.20 -2.01 11.29
CA TRP A 67 9.85 -1.68 11.68
C TRP A 67 9.81 -0.54 12.70
N LEU A 68 8.84 0.36 12.53
CA LEU A 68 8.30 1.13 13.66
C LEU A 68 6.83 0.79 13.90
N GLY A 69 6.25 1.41 14.92
CA GLY A 69 4.96 1.04 15.45
C GLY A 69 3.73 1.60 14.76
N LEU A 70 3.87 2.09 13.53
CA LEU A 70 2.76 2.70 12.82
C LEU A 70 2.07 1.70 11.89
N LYS A 71 0.75 1.72 11.90
CA LYS A 71 -0.02 0.77 11.09
C LYS A 71 -1.31 1.39 10.60
N ILE A 72 -1.67 1.06 9.37
CA ILE A 72 -2.95 1.44 8.80
C ILE A 72 -4.06 0.58 9.40
N GLN A 73 -5.12 1.25 9.84
CA GLN A 73 -6.32 0.58 10.33
C GLN A 73 -7.43 0.85 9.33
N SER A 74 -7.93 -0.20 8.70
CA SER A 74 -8.99 0.00 7.75
C SER A 74 -10.05 -1.06 7.87
N LYS A 75 -11.23 -0.70 7.40
CA LYS A 75 -12.40 -1.55 7.39
C LYS A 75 -12.16 -2.70 6.39
N GLY A 76 -11.66 -2.33 5.22
CA GLY A 76 -11.47 -3.29 4.12
C GLY A 76 -10.00 -3.55 3.85
N GLN A 77 -9.73 -4.01 2.62
CA GLN A 77 -8.37 -4.36 2.26
C GLN A 77 -7.56 -3.11 2.04
N GLN A 78 -8.20 -2.03 1.65
CA GLN A 78 -7.48 -0.81 1.29
C GLN A 78 -8.33 0.44 1.50
N CYS A 79 -7.83 1.61 1.12
CA CYS A 79 -8.41 2.87 1.60
C CYS A 79 -9.24 3.69 0.61
N SER A 80 -9.05 3.47 -0.69
CA SER A 80 -9.77 4.29 -1.65
C SER A 80 -11.26 3.90 -1.67
N THR A 81 -12.15 4.89 -1.79
CA THR A 81 -13.59 4.61 -1.79
C THR A 81 -14.26 4.84 -3.15
N GLU A 82 -13.50 5.35 -4.13
CA GLU A 82 -14.08 5.67 -5.44
C GLU A 82 -13.11 5.35 -6.58
N TRP A 83 -13.62 4.71 -7.63
CA TRP A 83 -12.87 4.55 -8.87
C TRP A 83 -12.92 5.86 -9.68
N THR A 84 -12.07 5.98 -10.69
CA THR A 84 -12.08 7.20 -11.52
C THR A 84 -13.40 7.47 -12.20
N ASP A 85 -14.20 6.43 -12.41
CA ASP A 85 -15.51 6.61 -13.06
C ASP A 85 -16.63 7.03 -12.09
N GLY A 86 -16.28 7.36 -10.85
CA GLY A 86 -17.26 7.79 -9.86
C GLY A 86 -17.91 6.67 -9.05
N SER A 87 -17.66 5.41 -9.42
CA SER A 87 -18.34 4.31 -8.74
C SER A 87 -17.67 3.96 -7.41
N SER A 88 -18.44 3.31 -6.55
CA SER A 88 -17.99 2.87 -5.23
C SER A 88 -17.07 1.64 -5.29
N VAL A 89 -16.27 1.48 -4.25
CA VAL A 89 -15.42 0.31 -4.12
C VAL A 89 -16.21 -0.75 -3.35
N SER A 90 -16.71 -1.75 -4.06
CA SER A 90 -17.62 -2.73 -3.43
C SER A 90 -16.99 -4.10 -3.45
N TYR A 91 -15.74 -4.16 -3.86
CA TYR A 91 -15.05 -5.43 -4.02
C TYR A 91 -13.59 -5.06 -4.11
N GLU A 92 -12.76 -5.88 -3.45
CA GLU A 92 -11.34 -5.64 -3.39
C GLU A 92 -10.65 -6.98 -3.57
N ASN A 93 -9.41 -7.00 -4.08
CA ASN A 93 -8.69 -8.26 -4.33
C ASN A 93 -7.17 -8.14 -4.26
N PHE A 94 -6.69 -7.49 -3.22
CA PHE A 94 -5.27 -7.50 -2.85
C PHE A 94 -4.92 -8.73 -2.01
N SER A 95 -3.83 -9.41 -2.39
CA SER A 95 -3.29 -10.52 -1.60
C SER A 95 -2.70 -9.92 -0.30
N GLU A 96 -2.31 -10.77 0.64
CA GLU A 96 -1.64 -10.23 1.84
C GLU A 96 -0.26 -9.69 1.44
N TYR A 97 0.38 -10.36 0.48
CA TYR A 97 1.66 -9.89 -0.06
C TYR A 97 1.51 -8.50 -0.63
N GLN A 98 0.34 -8.23 -1.19
CA GLN A 98 0.14 -6.94 -1.82
C GLN A 98 -0.41 -5.88 -0.87
N SER A 99 -0.94 -6.29 0.28
CA SER A 99 -1.44 -5.29 1.23
C SER A 99 -0.27 -4.54 1.86
N LYS A 100 -0.39 -3.22 2.06
CA LYS A 100 0.73 -2.40 2.58
C LYS A 100 0.32 -1.55 3.78
N LYS A 101 0.13 -2.20 4.91
CA LYS A 101 -0.48 -1.58 6.10
C LYS A 101 0.48 -1.29 7.24
N CYS A 102 1.72 -1.78 7.14
CA CYS A 102 2.67 -1.64 8.26
C CYS A 102 3.87 -0.79 7.83
N PHE A 103 4.31 0.09 8.71
CA PHE A 103 5.34 1.07 8.34
C PHE A 103 6.74 0.69 8.79
N VAL A 104 7.74 0.98 7.95
CA VAL A 104 9.14 0.88 8.32
C VAL A 104 9.78 2.25 8.32
N LEU A 105 10.90 2.35 9.05
CA LEU A 105 11.90 3.36 8.79
C LEU A 105 12.70 2.92 7.58
N GLU A 106 12.81 3.82 6.60
CA GLU A 106 13.46 3.50 5.31
C GLU A 106 14.95 3.57 5.40
N LYS A 107 15.63 2.48 5.06
CA LYS A 107 17.09 2.52 5.00
C LYS A 107 17.59 3.61 4.04
N ASN A 108 16.90 3.76 2.91
CA ASN A 108 17.27 4.69 1.83
C ASN A 108 17.25 6.17 2.21
N THR A 109 16.77 6.49 3.42
CA THR A 109 16.76 7.86 3.94
C THR A 109 17.50 8.01 5.25
N GLY A 110 18.31 7.01 5.59
CA GLY A 110 19.02 7.00 6.87
C GLY A 110 18.05 6.88 8.03
N PHE A 111 16.94 6.18 7.77
CA PHE A 111 15.93 5.85 8.78
C PHE A 111 15.20 7.05 9.36
N ARG A 112 14.83 8.00 8.50
CA ARG A 112 14.21 9.24 8.92
C ARG A 112 12.76 9.31 8.45
N THR A 113 12.44 8.56 7.41
CA THR A 113 11.10 8.62 6.79
C THR A 113 10.37 7.26 6.82
N TRP A 114 9.05 7.30 6.71
CA TRP A 114 8.25 6.11 6.99
C TRP A 114 7.59 5.65 5.71
N LEU A 115 7.68 4.34 5.45
CA LEU A 115 7.11 3.76 4.25
C LEU A 115 6.17 2.59 4.64
N ASN A 116 4.98 2.52 4.06
CA ASN A 116 4.09 1.42 4.35
C ASN A 116 4.38 0.22 3.44
N LEU A 117 4.44 -0.98 4.03
CA LEU A 117 4.81 -2.21 3.29
C LEU A 117 3.97 -3.38 3.82
N ASN A 118 4.06 -4.55 3.18
CA ASN A 118 3.35 -5.71 3.66
C ASN A 118 3.69 -6.02 5.13
N CYS A 119 2.68 -6.38 5.92
CA CYS A 119 2.90 -6.63 7.35
C CYS A 119 3.71 -7.91 7.60
N GLY A 120 3.58 -8.88 6.71
CA GLY A 120 4.32 -10.15 6.74
C GLY A 120 5.78 -10.07 6.29
N SER A 121 6.28 -8.87 5.94
CA SER A 121 7.69 -8.72 5.62
C SER A 121 8.54 -9.00 6.86
N GLU A 122 9.78 -9.44 6.68
CA GLU A 122 10.66 -9.75 7.80
C GLU A 122 11.73 -8.71 7.92
N TYR A 123 11.69 -7.93 9.00
CA TYR A 123 12.68 -6.87 9.18
C TYR A 123 13.07 -6.83 10.64
N SER A 124 14.26 -6.32 10.92
CA SER A 124 14.59 -5.94 12.29
C SER A 124 13.71 -4.78 12.76
N PHE A 125 13.87 -4.36 14.01
CA PHE A 125 12.89 -3.44 14.55
C PHE A 125 13.42 -2.70 15.77
N VAL A 126 12.74 -1.62 16.14
CA VAL A 126 13.13 -0.82 17.31
C VAL A 126 12.00 -0.92 18.35
N CYS A 127 12.37 -1.25 19.58
CA CYS A 127 11.43 -1.25 20.70
C CYS A 127 11.64 -0.02 21.55
N LYS A 128 10.56 0.42 22.19
CA LYS A 128 10.59 1.53 23.15
C LYS A 128 9.90 1.11 24.45
N SER A 129 10.60 1.28 25.59
CA SER A 129 10.08 0.88 26.91
C SER A 129 10.26 2.01 27.90
N PRO A 130 9.41 2.04 28.94
CA PRO A 130 9.76 2.91 30.05
C PRO A 130 11.00 2.34 30.77
N PRO A 131 11.75 3.21 31.48
CA PRO A 131 12.88 2.67 32.25
C PRO A 131 12.38 1.87 33.47
N GLY B 1 -25.64 4.60 -24.96
CA GLY B 1 -26.49 4.20 -26.12
C GLY B 1 -27.37 2.98 -25.86
N PHE B 2 -27.57 2.16 -26.88
CA PHE B 2 -28.43 0.99 -26.78
C PHE B 2 -27.65 -0.30 -26.90
N OCS B 3 -26.55 -0.25 -27.66
CA OCS B 3 -25.72 -1.42 -27.99
CB OCS B 3 -25.83 -1.78 -29.51
SG OCS B 3 -27.37 -1.29 -30.38
C OCS B 3 -24.31 -0.95 -27.69
O OCS B 3 -24.04 0.25 -27.74
OD1 OCS B 3 -27.24 -1.50 -31.78
OD2 OCS B 3 -28.48 -2.01 -29.87
OD3 OCS B 3 -27.59 0.09 -30.16
N CYS B 4 -23.38 -1.88 -27.38
CA CYS B 4 -21.96 -1.50 -27.35
C CYS B 4 -21.44 -1.32 -28.78
N PRO B 5 -20.59 -0.27 -29.00
CA PRO B 5 -20.02 -0.08 -30.32
C PRO B 5 -19.19 -1.28 -30.76
N LEU B 6 -18.96 -1.34 -32.08
CA LEU B 6 -18.34 -2.47 -32.76
C LEU B 6 -17.13 -3.16 -32.09
N ARG B 7 -16.13 -2.41 -31.65
CA ARG B 7 -14.89 -3.05 -31.13
C ARG B 7 -14.89 -3.35 -29.62
N TRP B 8 -16.00 -3.01 -28.96
CA TRP B 8 -16.16 -3.12 -27.51
C TRP B 8 -16.98 -4.36 -27.12
N SER B 9 -16.70 -4.94 -25.96
CA SER B 9 -17.49 -6.05 -25.42
C SER B 9 -18.47 -5.62 -24.34
N ALA B 10 -19.59 -6.33 -24.22
CA ALA B 10 -20.66 -5.99 -23.32
C ALA B 10 -20.61 -6.89 -22.11
N TYR B 11 -20.90 -6.30 -20.95
CA TYR B 11 -21.13 -7.04 -19.71
C TYR B 11 -22.00 -6.16 -18.82
N GLU B 12 -23.18 -6.67 -18.47
CA GLU B 12 -24.11 -6.00 -17.52
C GLU B 12 -24.25 -4.49 -17.73
N GLY B 13 -24.56 -4.09 -18.95
CA GLY B 13 -24.92 -2.70 -19.25
C GLY B 13 -23.74 -1.75 -19.39
N HIS B 14 -22.54 -2.30 -19.37
CA HIS B 14 -21.34 -1.54 -19.63
C HIS B 14 -20.60 -2.11 -20.83
N CYS B 15 -19.71 -1.30 -21.42
CA CYS B 15 -18.89 -1.67 -22.57
C CYS B 15 -17.41 -1.62 -22.24
N TYR B 16 -16.63 -2.55 -22.77
CA TYR B 16 -15.25 -2.71 -22.36
C TYR B 16 -14.32 -2.82 -23.56
N LEU B 17 -13.14 -2.22 -23.45
CA LEU B 17 -12.20 -2.26 -24.56
C LEU B 17 -10.79 -2.49 -24.04
N VAL B 18 -10.19 -3.60 -24.45
CA VAL B 18 -8.81 -3.89 -24.06
C VAL B 18 -7.94 -3.08 -24.97
N VAL B 19 -7.01 -2.31 -24.40
CA VAL B 19 -6.08 -1.53 -25.22
C VAL B 19 -4.63 -2.05 -25.15
N LYS B 20 -4.13 -2.58 -26.26
CA LYS B 20 -2.76 -3.10 -26.32
C LYS B 20 -1.76 -1.99 -26.66
N GLU B 21 -1.76 -0.93 -25.86
CA GLU B 21 -0.76 0.12 -25.92
C GLU B 21 -0.27 0.34 -24.51
N LYS B 22 1.03 0.50 -24.33
CA LYS B 22 1.57 0.68 -22.98
C LYS B 22 1.61 2.17 -22.61
N LYS B 23 0.90 2.52 -21.55
CA LYS B 23 0.80 3.93 -21.12
C LYS B 23 0.86 4.01 -19.59
N THR B 24 1.21 5.18 -19.08
CA THR B 24 1.17 5.43 -17.66
C THR B 24 -0.30 5.34 -17.22
N TRP B 25 -0.53 5.29 -15.92
CA TRP B 25 -1.88 5.22 -15.41
C TRP B 25 -2.68 6.48 -15.78
N ASP B 26 -2.08 7.65 -15.62
CA ASP B 26 -2.71 8.92 -16.00
C ASP B 26 -3.08 9.03 -17.46
N ASP B 27 -2.10 8.78 -18.33
CA ASP B 27 -2.31 8.77 -19.79
C ASP B 27 -3.33 7.71 -20.23
N ALA B 28 -3.29 6.55 -19.60
CA ALA B 28 -4.25 5.49 -19.91
C ALA B 28 -5.66 5.94 -19.57
N GLU B 29 -5.83 6.50 -18.38
CA GLU B 29 -7.11 7.08 -17.96
C GLU B 29 -7.58 8.16 -18.94
N LYS B 30 -6.66 9.04 -19.35
CA LYS B 30 -7.11 10.14 -20.20
C LYS B 30 -7.52 9.60 -21.56
N PHE B 31 -6.75 8.64 -22.08
CA PHE B 31 -7.07 7.97 -23.34
C PHE B 31 -8.49 7.38 -23.31
N CYS B 32 -8.82 6.72 -22.21
CA CYS B 32 -10.15 6.15 -22.03
C CYS B 32 -11.25 7.20 -22.13
N THR B 33 -11.05 8.37 -21.51
CA THR B 33 -12.03 9.46 -21.60
C THR B 33 -12.21 10.00 -23.05
N GLU B 34 -11.22 9.79 -23.90
CA GLU B 34 -11.28 10.25 -25.29
C GLU B 34 -11.89 9.23 -26.25
N GLN B 35 -12.01 7.98 -25.82
CA GLN B 35 -12.59 6.93 -26.69
C GLN B 35 -14.09 7.08 -26.82
N ARG B 36 -14.74 7.39 -25.70
CA ARG B 36 -16.18 7.51 -25.63
C ARG B 36 -16.52 8.48 -24.53
N LYS B 37 -17.63 9.19 -24.68
CA LYS B 37 -18.13 10.03 -23.58
C LYS B 37 -18.47 9.13 -22.37
N GLY B 38 -17.86 9.44 -21.23
CA GLY B 38 -18.02 8.64 -20.01
C GLY B 38 -17.11 7.40 -19.93
N GLY B 39 -16.12 7.33 -20.81
CA GLY B 39 -15.15 6.26 -20.75
C GLY B 39 -14.14 6.56 -19.64
N HIS B 40 -13.75 5.52 -18.90
CA HIS B 40 -12.68 5.58 -17.89
C HIS B 40 -11.92 4.27 -17.89
N LEU B 41 -10.80 4.23 -17.16
CA LEU B 41 -10.18 2.98 -16.74
C LEU B 41 -11.25 2.08 -16.14
N VAL B 42 -11.15 0.79 -16.47
CA VAL B 42 -12.06 -0.22 -15.98
C VAL B 42 -12.13 -0.16 -14.46
N SER B 43 -13.34 -0.32 -13.96
CA SER B 43 -13.57 -0.55 -12.56
C SER B 43 -14.23 -1.91 -12.39
N VAL B 44 -13.99 -2.53 -11.23
CA VAL B 44 -14.40 -3.90 -11.02
C VAL B 44 -15.21 -3.99 -9.75
N HIS B 45 -16.43 -4.49 -9.86
CA HIS B 45 -17.32 -4.48 -8.69
C HIS B 45 -17.70 -5.82 -8.11
N SER B 46 -17.26 -6.92 -8.75
CA SER B 46 -17.57 -8.25 -8.21
C SER B 46 -16.57 -9.27 -8.75
N ARG B 47 -16.52 -10.45 -8.15
CA ARG B 47 -15.72 -11.53 -8.71
C ARG B 47 -16.19 -11.87 -10.13
N GLU B 48 -17.49 -11.75 -10.38
CA GLU B 48 -18.00 -12.09 -11.71
C GLU B 48 -17.56 -11.09 -12.79
N GLU B 49 -17.50 -9.79 -12.44
CA GLU B 49 -16.93 -8.79 -13.34
C GLU B 49 -15.43 -9.05 -13.55
N ALA B 50 -14.71 -9.41 -12.48
CA ALA B 50 -13.30 -9.71 -12.62
C ALA B 50 -13.10 -10.86 -13.62
N ASP B 51 -13.91 -11.91 -13.47
CA ASP B 51 -13.91 -13.10 -14.35
C ASP B 51 -14.14 -12.70 -15.80
N PHE B 52 -15.13 -11.83 -16.02
CA PHE B 52 -15.41 -11.34 -17.36
C PHE B 52 -14.20 -10.62 -17.98
N LEU B 53 -13.58 -9.75 -17.18
CA LEU B 53 -12.46 -8.93 -17.61
C LEU B 53 -11.27 -9.82 -18.00
N VAL B 54 -11.01 -10.84 -17.18
CA VAL B 54 -9.95 -11.81 -17.43
C VAL B 54 -10.23 -12.59 -18.70
N HIS B 55 -11.47 -13.08 -18.80
CA HIS B 55 -11.88 -13.84 -19.96
C HIS B 55 -11.70 -13.04 -21.22
N LEU B 56 -12.03 -11.76 -21.16
CA LEU B 56 -11.85 -10.86 -22.28
C LEU B 56 -10.37 -10.52 -22.59
N ALA B 57 -9.59 -10.22 -21.55
CA ALA B 57 -8.21 -9.72 -21.76
C ALA B 57 -7.21 -10.82 -22.03
N TYR B 58 -7.38 -11.98 -21.39
CA TYR B 58 -6.39 -13.05 -21.54
C TYR B 58 -6.08 -13.47 -22.99
N PRO B 59 -7.10 -13.67 -23.87
CA PRO B 59 -6.78 -14.06 -25.26
C PRO B 59 -6.09 -12.95 -26.07
N ILE B 60 -6.29 -11.70 -25.64
CA ILE B 60 -5.70 -10.55 -26.33
C ILE B 60 -4.27 -10.28 -25.85
N LEU B 61 -4.07 -10.22 -24.54
CA LEU B 61 -2.77 -9.87 -23.94
C LEU B 61 -2.00 -11.07 -23.40
N ASP B 62 -2.62 -12.23 -23.40
CA ASP B 62 -2.12 -13.37 -22.63
C ASP B 62 -1.89 -13.02 -21.13
N LEU B 63 -0.86 -13.60 -20.52
CA LEU B 63 -0.49 -13.28 -19.14
C LEU B 63 0.22 -11.93 -19.07
N SER B 64 -0.43 -10.95 -18.43
CA SER B 64 0.00 -9.54 -18.46
C SER B 64 -0.66 -8.73 -17.33
N LEU B 65 -0.40 -7.42 -17.35
CA LEU B 65 -0.90 -6.49 -16.36
C LEU B 65 -1.64 -5.33 -17.02
N ILE B 66 -2.78 -4.94 -16.42
CA ILE B 66 -3.60 -3.86 -16.97
C ILE B 66 -3.86 -2.82 -15.90
N TRP B 67 -3.68 -1.55 -16.25
CA TRP B 67 -4.10 -0.48 -15.35
C TRP B 67 -5.61 -0.53 -15.13
N MET B 68 -6.03 -0.26 -13.90
CA MET B 68 -7.46 -0.20 -13.59
C MET B 68 -7.67 1.06 -12.78
N GLY B 69 -8.93 1.52 -12.63
CA GLY B 69 -9.17 2.91 -12.20
C GLY B 69 -9.15 3.27 -10.74
N LEU B 70 -8.19 2.75 -9.98
CA LEU B 70 -7.98 3.14 -8.58
C LEU B 70 -6.57 3.67 -8.38
N SER B 71 -6.42 4.61 -7.47
CA SER B 71 -5.13 5.18 -7.14
C SER B 71 -5.12 5.52 -5.67
N ASN B 72 -3.94 5.78 -5.12
CA ASN B 72 -3.82 6.21 -3.71
C ASN B 72 -4.52 5.22 -2.76
N MET B 73 -4.42 3.93 -3.07
CA MET B 73 -5.05 2.87 -2.27
C MET B 73 -4.69 2.88 -0.77
N TRP B 74 -3.57 3.49 -0.40
CA TRP B 74 -3.11 3.50 1.00
C TRP B 74 -3.14 4.87 1.66
N ASN B 75 -3.74 5.86 0.97
CA ASN B 75 -3.76 7.22 1.54
C ASN B 75 -4.86 7.59 2.52
N ASP B 76 -6.10 7.18 2.23
CA ASP B 76 -7.24 7.73 3.00
C ASP B 76 -7.52 7.12 4.39
N CYS B 77 -6.78 6.10 4.81
CA CYS B 77 -7.09 5.44 6.08
C CYS B 77 -6.39 6.09 7.26
N LYS B 78 -6.92 5.81 8.43
CA LYS B 78 -6.29 6.17 9.67
C LYS B 78 -5.01 5.35 9.87
N ARG B 79 -3.99 6.01 10.39
CA ARG B 79 -2.71 5.40 10.72
C ARG B 79 -2.53 5.55 12.23
N GLU B 80 -2.24 4.46 12.91
CA GLU B 80 -2.27 4.44 14.39
C GLU B 80 -0.98 3.87 14.95
N TRP B 81 -0.47 4.47 16.03
CA TRP B 81 0.66 3.93 16.78
C TRP B 81 0.24 2.78 17.71
N SER B 82 1.03 1.73 17.70
CA SER B 82 0.77 0.57 18.52
C SER B 82 0.78 0.86 20.04
N ASP B 83 1.49 1.92 20.44
CA ASP B 83 1.57 2.26 21.87
C ASP B 83 0.36 3.10 22.30
N GLY B 84 -0.57 3.30 21.36
CA GLY B 84 -1.84 3.93 21.64
C GLY B 84 -1.74 5.44 21.74
N THR B 85 -0.58 5.99 21.42
CA THR B 85 -0.44 7.45 21.45
C THR B 85 -1.00 8.08 20.18
N LYS B 86 -1.35 9.36 20.27
CA LYS B 86 -1.92 10.08 19.13
C LYS B 86 -0.88 10.50 18.08
N LEU B 87 -1.29 10.40 16.81
CA LEU B 87 -0.41 10.73 15.69
C LEU B 87 -0.39 12.25 15.53
N ASP B 88 0.65 12.85 16.09
CA ASP B 88 0.79 14.31 16.13
C ASP B 88 1.86 14.81 15.16
N PHE B 89 2.70 13.90 14.66
CA PHE B 89 3.91 14.24 13.94
C PHE B 89 3.97 13.29 12.75
N LYS B 90 4.22 13.82 11.56
CA LYS B 90 4.25 12.97 10.38
C LYS B 90 5.61 13.03 9.68
N SER B 91 6.08 11.89 9.15
CA SER B 91 7.34 11.86 8.42
C SER B 91 7.28 10.85 7.25
N TRP B 92 6.36 11.09 6.32
CA TRP B 92 6.05 10.18 5.21
C TRP B 92 7.10 10.08 4.14
N ALA B 93 7.31 8.85 3.65
CA ALA B 93 8.01 8.60 2.40
C ALA B 93 7.13 9.06 1.23
N LYS B 94 7.78 9.44 0.13
CA LYS B 94 7.07 9.81 -1.09
C LYS B 94 6.65 8.55 -1.84
N THR B 95 5.34 8.37 -2.02
CA THR B 95 4.82 7.20 -2.76
C THR B 95 4.03 7.60 -4.00
N SER B 96 3.77 6.62 -4.85
CA SER B 96 2.95 6.83 -6.02
C SER B 96 2.37 5.46 -6.30
N ASP B 97 1.09 5.31 -5.97
CA ASP B 97 0.45 4.01 -6.05
C ASP B 97 -0.81 4.03 -6.91
N CYS B 98 -0.83 3.16 -7.92
CA CYS B 98 -1.95 3.02 -8.85
C CYS B 98 -2.27 1.55 -9.03
N LEU B 99 -3.54 1.26 -9.28
CA LEU B 99 -3.98 -0.15 -9.29
C LEU B 99 -3.69 -0.83 -10.61
N ILE B 100 -3.01 -1.96 -10.51
CA ILE B 100 -2.78 -2.85 -11.64
C ILE B 100 -3.57 -4.13 -11.38
N GLY B 101 -4.15 -4.69 -12.44
CA GLY B 101 -4.80 -6.00 -12.36
C GLY B 101 -4.06 -7.01 -13.22
N LYS B 102 -3.95 -8.25 -12.75
CA LYS B 102 -3.43 -9.35 -13.59
C LYS B 102 -4.51 -9.83 -14.56
N THR B 103 -4.11 -10.27 -15.75
CA THR B 103 -5.08 -10.72 -16.75
C THR B 103 -5.40 -12.22 -16.68
N ASP B 104 -4.89 -12.90 -15.67
CA ASP B 104 -5.20 -14.31 -15.51
C ASP B 104 -6.05 -14.53 -14.26
N GLY B 105 -6.31 -15.81 -13.98
CA GLY B 105 -7.01 -16.27 -12.79
C GLY B 105 -8.24 -15.47 -12.45
N ASP B 106 -8.12 -14.70 -11.37
CA ASP B 106 -9.23 -13.90 -10.91
C ASP B 106 -8.87 -12.42 -10.85
N ASN B 107 -7.97 -11.95 -11.71
CA ASN B 107 -7.71 -10.51 -11.83
C ASN B 107 -7.12 -9.96 -10.51
N GLN B 108 -6.09 -10.66 -10.01
CA GLN B 108 -5.33 -10.25 -8.82
C GLN B 108 -4.86 -8.79 -8.88
N TRP B 109 -5.05 -8.07 -7.77
CA TRP B 109 -4.68 -6.67 -7.68
C TRP B 109 -3.22 -6.48 -7.23
N LEU B 110 -2.51 -5.59 -7.89
CA LEU B 110 -1.14 -5.28 -7.52
C LEU B 110 -0.94 -3.76 -7.39
N ASN B 111 -0.10 -3.35 -6.44
CA ASN B 111 0.32 -1.97 -6.32
C ASN B 111 1.37 -1.74 -7.37
N MET B 112 1.38 -0.55 -7.97
CA MET B 112 2.33 -0.25 -9.02
C MET B 112 2.60 1.24 -9.04
N ASP B 113 3.85 1.61 -9.34
CA ASP B 113 4.20 3.01 -9.58
C ASP B 113 3.43 3.55 -10.78
N CYS B 114 2.70 4.65 -10.58
CA CYS B 114 1.73 5.18 -11.56
C CYS B 114 2.37 5.62 -12.87
N SER B 115 3.69 5.86 -12.85
CA SER B 115 4.40 6.26 -14.06
C SER B 115 4.96 5.07 -14.84
N LYS B 116 4.82 3.85 -14.29
CA LYS B 116 5.13 2.64 -15.07
C LYS B 116 4.15 2.50 -16.25
N LYS B 117 4.62 1.98 -17.38
CA LYS B 117 3.81 1.93 -18.60
C LYS B 117 3.21 0.55 -18.79
N HIS B 118 1.89 0.48 -18.90
CA HIS B 118 1.21 -0.82 -18.99
C HIS B 118 0.05 -0.79 -19.94
N TYR B 119 -0.38 -1.99 -20.34
CA TYR B 119 -1.66 -2.20 -21.02
C TYR B 119 -2.81 -1.82 -20.10
N PHE B 120 -3.99 -1.62 -20.66
CA PHE B 120 -5.09 -1.12 -19.85
C PHE B 120 -6.42 -1.45 -20.49
N VAL B 121 -7.51 -1.30 -19.73
CA VAL B 121 -8.81 -1.57 -20.28
C VAL B 121 -9.67 -0.35 -20.01
N CYS B 122 -10.49 0.05 -21.00
CA CYS B 122 -11.47 1.16 -20.84
C CYS B 122 -12.87 0.60 -20.66
N LYS B 123 -13.74 1.41 -20.05
CA LYS B 123 -15.08 0.98 -19.69
C LYS B 123 -15.99 2.23 -19.72
N PHE B 124 -17.23 2.04 -20.14
CA PHE B 124 -18.27 3.05 -19.97
C PHE B 124 -19.64 2.41 -19.84
N LYS B 125 -20.56 3.16 -19.24
CA LYS B 125 -21.92 2.73 -19.04
C LYS B 125 -22.74 3.07 -20.27
N LEU B 126 -23.53 2.11 -20.72
CA LEU B 126 -24.52 2.36 -21.78
C LEU B 126 -25.58 3.36 -21.31
S SO4 C . 22.52 8.89 6.74
O1 SO4 C . 22.35 10.13 7.49
O2 SO4 C . 23.93 8.69 6.44
O3 SO4 C . 21.76 8.95 5.50
O4 SO4 C . 22.05 7.77 7.54
C1 GOL D . 3.48 -6.54 -18.23
O1 GOL D . 4.39 -5.68 -17.58
C2 GOL D . 3.87 -6.69 -19.69
O2 GOL D . 3.13 -5.77 -20.47
C3 GOL D . 3.63 -8.13 -20.13
O3 GOL D . 3.14 -8.18 -21.46
C1 GOL E . -20.90 -5.10 -12.60
O1 GOL E . -20.54 -5.74 -11.37
C2 GOL E . -21.14 -3.61 -12.34
O2 GOL E . -22.40 -3.24 -12.83
C3 GOL E . -20.07 -2.81 -13.05
O3 GOL E . -20.22 -1.43 -12.76
C1 GOL F . -2.67 11.74 5.15
O1 GOL F . -3.75 10.87 4.88
C2 GOL F . -1.82 11.89 3.89
O2 GOL F . -1.28 10.63 3.55
C3 GOL F . -0.68 12.90 4.08
O3 GOL F . -0.95 13.83 5.11
#